data_1JIM
#
_entry.id   1JIM
#
_cell.length_a   51.400
_cell.length_b   58.100
_cell.length_c   75.200
_cell.angle_alpha   90.00
_cell.angle_beta   90.00
_cell.angle_gamma   90.00
#
_symmetry.space_group_name_H-M   'P 21 21 21'
#
loop_
_entity.id
_entity.type
_entity.pdbx_description
1 polymer 'PORCINE PANCREATIC ELASTASE'
2 non-polymer 'SULFATE ION'
3 non-polymer METHYL(2-ACETOXY-2-(2-CARBOXY-4-AMINO-PHENYL))ACETATE
4 water water
#
_entity_poly.entity_id   1
_entity_poly.type   'polypeptide(L)'
_entity_poly.pdbx_seq_one_letter_code
;VVGGTEAQRNSWPSQISLQYRSGSSWAHTCGGTLIRQNWVMTAAHCVDRELTFRVVVGEHNLNQNNGTEQYVGVQKIVVH
PYWNTDDVAAGYDIALLRLAQSVTLNSYVQLGVLPRAGTILANNSPCYITGWGLTRTNGQLAQTLQQAYLPTVDYAICSS
SSYWGSTVKNSMVCAGGDGVRSGCQGDSGGPLHCLVNGQYAVHGVTSFVSRLGCNVTRKPTVFTRVSAYISWINNVIASN
;
_entity_poly.pdbx_strand_id   A
#
# COMPACT_ATOMS: atom_id res chain seq x y z
N VAL A 1 1.91 -10.78 0.48
CA VAL A 1 1.24 -11.16 -0.80
C VAL A 1 1.12 -12.68 -0.93
N VAL A 2 -0.16 -13.13 -0.93
CA VAL A 2 -0.56 -14.49 -1.23
C VAL A 2 -0.61 -14.77 -2.71
N GLY A 3 0.01 -15.87 -3.10
CA GLY A 3 0.04 -16.28 -4.49
C GLY A 3 0.89 -15.35 -5.37
N GLY A 4 1.94 -14.73 -4.87
CA GLY A 4 2.67 -13.89 -5.74
C GLY A 4 3.94 -14.49 -6.28
N THR A 5 4.66 -13.70 -7.08
CA THR A 5 5.97 -14.07 -7.69
C THR A 5 6.94 -13.01 -7.28
N GLU A 6 8.18 -13.38 -7.19
CA GLU A 6 9.20 -12.46 -6.84
C GLU A 6 9.19 -11.36 -7.86
N ALA A 7 9.21 -10.08 -7.49
CA ALA A 7 9.41 -8.97 -8.45
C ALA A 7 10.87 -8.77 -8.93
N GLN A 8 11.07 -8.27 -10.17
CA GLN A 8 12.40 -7.87 -10.58
C GLN A 8 12.82 -6.68 -9.76
N ARG A 9 14.16 -6.49 -9.48
CA ARG A 9 14.69 -5.42 -8.60
C ARG A 9 14.19 -4.03 -8.91
N ASN A 10 14.07 -3.80 -10.17
CA ASN A 10 13.79 -2.43 -10.57
C ASN A 10 12.38 -2.21 -11.04
N SER A 11 11.50 -3.18 -10.86
CA SER A 11 10.16 -3.07 -11.43
C SER A 11 9.26 -2.01 -10.83
N TRP A 12 9.32 -1.94 -9.50
CA TRP A 12 8.48 -1.08 -8.67
C TRP A 12 9.17 -0.08 -7.74
N PRO A 13 9.88 0.85 -8.32
CA PRO A 13 10.85 1.66 -7.55
C PRO A 13 10.29 2.74 -6.60
N SER A 14 8.98 2.91 -6.61
CA SER A 14 8.24 3.71 -5.62
C SER A 14 7.80 2.97 -4.37
N GLN A 15 7.97 1.65 -4.32
CA GLN A 15 7.74 0.85 -3.12
C GLN A 15 8.71 1.11 -2.01
N ILE A 16 8.18 1.32 -0.80
CA ILE A 16 9.02 1.42 0.39
C ILE A 16 8.69 0.36 1.39
N SER A 17 9.65 0.07 2.25
CA SER A 17 9.37 -0.65 3.47
C SER A 17 9.22 0.29 4.68
N LEU A 18 8.04 0.25 5.39
CA LEU A 18 7.83 0.96 6.64
C LEU A 18 8.17 0.09 7.83
N GLN A 19 9.16 0.49 8.57
CA GLN A 19 9.74 -0.28 9.64
C GLN A 19 9.69 0.40 11.02
N TYR A 20 9.48 -0.38 12.12
CA TYR A 20 9.52 0.16 13.46
C TYR A 20 10.66 -0.41 14.27
N ARG A 21 11.11 0.29 15.26
CA ARG A 21 12.30 -0.09 16.11
C ARG A 21 11.85 -1.05 17.19
N SER A 22 12.37 -2.25 17.11
CA SER A 22 11.86 -3.42 17.83
C SER A 22 12.93 -4.01 18.77
N GLY A 23 13.07 -3.33 19.90
CA GLY A 23 14.22 -3.53 20.77
C GLY A 23 15.42 -2.76 20.29
N SER A 24 16.38 -3.57 19.81
CA SER A 24 17.60 -3.08 19.21
C SER A 24 17.67 -3.35 17.70
N SER A 25 16.49 -3.79 17.13
CA SER A 25 16.45 -4.14 15.71
C SER A 25 15.34 -3.37 15.05
N TRP A 26 15.16 -3.55 13.73
CA TRP A 26 14.06 -2.97 12.97
C TRP A 26 13.22 -4.01 12.27
N ALA A 27 11.95 -3.98 12.40
CA ALA A 27 11.11 -4.94 11.74
C ALA A 27 10.20 -4.26 10.71
N HIS A 28 9.94 -5.01 9.61
CA HIS A 28 9.03 -4.50 8.62
C HIS A 28 7.62 -4.52 9.19
N THR A 29 6.84 -3.39 8.97
CA THR A 29 5.43 -3.47 9.36
C THR A 29 4.42 -3.33 8.21
N CYS A 30 4.71 -2.46 7.25
CA CYS A 30 3.89 -1.94 6.22
C CYS A 30 4.61 -1.68 4.92
N GLY A 31 3.85 -1.59 3.89
CA GLY A 31 4.37 -0.88 2.78
C GLY A 31 4.02 0.62 2.73
N GLY A 32 4.42 1.25 1.62
CA GLY A 32 4.06 2.63 1.29
C GLY A 32 4.50 2.98 -0.12
N THR A 33 4.30 4.19 -0.57
CA THR A 33 4.72 4.67 -1.86
C THR A 33 5.41 6.01 -1.65
N LEU A 34 6.58 6.15 -2.19
CA LEU A 34 7.29 7.40 -2.21
C LEU A 34 6.60 8.32 -3.20
N ILE A 35 6.10 9.41 -2.73
CA ILE A 35 5.35 10.32 -3.54
C ILE A 35 6.07 11.63 -3.72
N ARG A 36 6.98 11.98 -2.85
CA ARG A 36 7.84 13.13 -3.01
C ARG A 36 9.20 12.71 -2.47
N GLN A 37 10.35 13.35 -2.85
CA GLN A 37 11.65 12.90 -2.32
C GLN A 37 11.72 12.95 -0.84
N ASN A 38 10.73 13.63 -0.19
CA ASN A 38 10.60 13.70 1.24
C ASN A 38 9.26 13.31 1.81
N TRP A 39 8.37 12.63 1.05
CA TRP A 39 7.04 12.29 1.52
C TRP A 39 6.68 10.90 1.05
N VAL A 40 6.07 10.12 1.94
CA VAL A 40 5.54 8.75 1.71
C VAL A 40 4.04 8.77 2.03
N MET A 41 3.31 8.03 1.20
CA MET A 41 1.92 7.74 1.38
C MET A 41 1.76 6.30 1.88
N THR A 42 1.04 6.06 2.95
CA THR A 42 0.76 4.75 3.52
C THR A 42 -0.64 4.77 4.09
N ALA A 43 -1.01 3.77 4.91
CA ALA A 43 -2.30 3.71 5.55
C ALA A 43 -2.14 4.29 6.93
N ALA A 44 -3.10 5.03 7.39
CA ALA A 44 -3.26 5.43 8.75
C ALA A 44 -3.13 4.22 9.68
N HIS A 45 -3.71 3.08 9.40
CA HIS A 45 -3.63 1.97 10.28
C HIS A 45 -2.20 1.63 10.71
N CYS A 46 -1.21 1.88 9.88
CA CYS A 46 0.17 1.44 9.97
C CYS A 46 0.83 2.29 11.02
N VAL A 47 0.26 3.48 11.23
CA VAL A 47 0.82 4.40 12.26
C VAL A 47 -0.07 4.67 13.46
N ASP A 48 -0.98 3.78 13.80
CA ASP A 48 -1.77 3.89 15.01
C ASP A 48 -0.90 3.78 16.29
N ARG A 49 0.15 3.00 16.24
CA ARG A 49 1.01 2.81 17.39
C ARG A 49 2.06 3.89 17.47
N GLU A 50 2.32 4.33 18.69
CA GLU A 50 3.33 5.36 18.80
C GLU A 50 4.72 4.82 18.99
N LEU A 51 5.30 4.41 17.89
CA LEU A 51 6.57 3.62 17.75
C LEU A 51 7.55 4.48 17.01
N THR A 52 8.78 4.11 16.95
CA THR A 52 9.72 4.88 16.17
C THR A 52 9.85 4.20 14.79
N PHE A 53 9.65 4.96 13.70
CA PHE A 53 9.45 4.42 12.37
C PHE A 53 10.61 4.87 11.55
N ARG A 54 10.98 4.01 10.62
CA ARG A 54 11.88 4.41 9.51
C ARG A 54 11.37 3.92 8.16
N VAL A 55 11.87 4.63 7.14
CA VAL A 55 11.60 4.33 5.76
C VAL A 55 12.80 3.71 5.11
N VAL A 56 12.57 2.62 4.41
CA VAL A 56 13.55 2.01 3.48
C VAL A 56 13.12 2.11 2.02
N VAL A 57 13.85 2.97 1.24
CA VAL A 57 13.79 3.03 -0.20
C VAL A 57 14.86 2.20 -0.96
N GLY A 58 14.46 1.65 -2.11
CA GLY A 58 15.41 0.74 -2.82
C GLY A 58 15.59 -0.63 -2.19
N GLU A 59 14.54 -1.09 -1.51
CA GLU A 59 14.62 -2.32 -0.81
C GLU A 59 14.23 -3.36 -1.79
N HIS A 60 14.97 -4.40 -1.84
CA HIS A 60 14.44 -5.62 -2.48
C HIS A 60 14.37 -6.78 -1.44
N ASN A 61 15.54 -7.23 -0.80
CA ASN A 61 15.52 -8.34 0.15
C ASN A 61 15.56 -7.72 1.55
N LEU A 62 14.51 -8.06 2.34
CA LEU A 62 14.45 -7.51 3.70
C LEU A 62 15.67 -7.94 4.56
N ASN A 63 16.21 -9.12 4.33
CA ASN A 63 17.20 -9.68 5.19
C ASN A 63 18.63 -9.58 4.62
N GLN A 64 18.85 -8.92 3.47
CA GLN A 64 20.16 -8.93 2.87
C GLN A 64 20.45 -7.58 2.31
N ASN A 65 21.71 -7.29 2.27
CA ASN A 65 22.13 -6.01 1.70
C ASN A 65 22.17 -6.11 0.17
N ASN A 66 21.29 -5.27 -0.42
CA ASN A 66 21.09 -5.22 -1.90
C ASN A 66 22.12 -4.28 -2.55
N GLY A 67 22.81 -3.45 -1.74
CA GLY A 67 23.68 -2.44 -2.27
C GLY A 67 22.89 -1.27 -2.79
N THR A 68 21.53 -1.19 -2.70
CA THR A 68 20.67 -0.11 -3.24
C THR A 68 19.84 0.68 -2.22
N GLU A 69 19.87 0.24 -0.92
CA GLU A 69 19.06 0.84 0.20
C GLU A 69 19.42 2.26 0.49
N GLN A 70 18.35 3.06 0.72
CA GLN A 70 18.48 4.21 1.63
C GLN A 70 17.55 4.21 2.83
N TYR A 71 18.07 4.48 4.03
CA TYR A 71 17.37 4.45 5.30
C TYR A 71 17.13 5.85 5.86
N VAL A 72 15.79 6.17 5.95
CA VAL A 72 15.41 7.54 6.28
C VAL A 72 14.44 7.53 7.43
N GLY A 73 14.63 8.45 8.39
CA GLY A 73 13.77 8.67 9.58
C GLY A 73 12.44 9.30 9.19
N VAL A 74 11.38 9.02 10.03
CA VAL A 74 10.09 9.78 9.88
C VAL A 74 10.08 11.05 10.79
N GLN A 75 9.86 12.23 10.20
CA GLN A 75 9.91 13.39 10.98
C GLN A 75 8.53 13.87 11.41
N LYS A 76 7.48 13.69 10.63
CA LYS A 76 6.18 14.10 11.05
C LYS A 76 5.16 13.16 10.44
N ILE A 77 4.17 12.73 11.19
CA ILE A 77 3.17 11.87 10.63
C ILE A 77 1.82 12.60 10.63
N VAL A 78 1.07 12.61 9.51
CA VAL A 78 -0.18 13.30 9.30
C VAL A 78 -1.20 12.32 8.80
N VAL A 79 -2.05 11.88 9.67
CA VAL A 79 -3.10 10.94 9.38
C VAL A 79 -4.32 11.72 8.97
N HIS A 80 -5.17 11.10 8.17
CA HIS A 80 -6.40 11.75 7.78
C HIS A 80 -7.22 12.05 9.02
N PRO A 81 -7.64 13.33 9.17
CA PRO A 81 -8.49 13.78 10.31
C PRO A 81 -9.74 12.99 10.67
N TYR A 82 -10.37 12.31 9.69
CA TYR A 82 -11.55 11.46 9.89
C TYR A 82 -11.22 10.00 10.14
N TRP A 83 -9.94 9.57 10.16
CA TRP A 83 -9.57 8.14 10.36
C TRP A 83 -9.96 7.79 11.77
N ASN A 84 -10.57 6.67 11.91
CA ASN A 84 -10.82 6.20 13.25
C ASN A 84 -10.41 4.75 13.24
N THR A 85 -9.43 4.53 14.13
CA THR A 85 -8.85 3.20 14.48
C THR A 85 -9.87 2.05 14.66
N ASP A 86 -11.06 2.42 15.18
CA ASP A 86 -12.10 1.44 15.48
C ASP A 86 -13.07 1.15 14.33
N ASP A 87 -12.88 1.89 13.28
CA ASP A 87 -13.79 1.73 12.16
C ASP A 87 -13.12 1.80 10.76
N VAL A 88 -12.31 0.76 10.37
CA VAL A 88 -11.56 0.73 9.06
C VAL A 88 -12.50 0.74 7.87
N ALA A 89 -13.67 0.18 8.14
CA ALA A 89 -14.71 0.12 7.14
C ALA A 89 -15.43 1.43 6.93
N ALA A 90 -15.12 2.48 7.72
CA ALA A 90 -15.44 3.82 7.41
C ALA A 90 -14.58 4.47 6.34
N GLY A 91 -13.32 4.01 6.21
CA GLY A 91 -12.37 4.46 5.25
C GLY A 91 -11.51 5.45 5.96
N TYR A 92 -10.93 6.31 5.16
CA TYR A 92 -9.96 7.34 5.46
C TYR A 92 -8.70 6.69 5.96
N ASP A 93 -8.41 5.51 5.42
CA ASP A 93 -7.17 4.78 5.80
C ASP A 93 -5.96 5.21 5.02
N ILE A 94 -5.47 6.44 5.35
CA ILE A 94 -4.48 7.15 4.62
C ILE A 94 -3.62 8.03 5.50
N ALA A 95 -2.31 7.98 5.32
CA ALA A 95 -1.33 8.78 6.00
C ALA A 95 -0.19 9.26 5.13
N LEU A 96 0.39 10.41 5.48
CA LEU A 96 1.47 10.97 4.79
C LEU A 96 2.60 11.18 5.75
N LEU A 97 3.72 10.62 5.44
CA LEU A 97 4.90 10.70 6.28
C LEU A 97 5.93 11.71 5.71
N ARG A 98 6.19 12.76 6.44
CA ARG A 98 7.31 13.50 6.05
C ARG A 98 8.65 12.90 6.52
N LEU A 99 9.63 12.71 5.62
CA LEU A 99 10.96 12.11 5.94
C LEU A 99 11.94 13.15 6.43
N ALA A 100 12.83 12.70 7.37
CA ALA A 100 13.86 13.52 8.02
C ALA A 100 14.88 14.02 6.98
N GLN A 101 15.06 13.28 5.85
CA GLN A 101 15.75 13.79 4.68
C GLN A 101 15.12 13.37 3.39
N SER A 102 15.34 14.17 2.34
CA SER A 102 15.13 13.82 0.94
C SER A 102 16.07 12.72 0.53
N VAL A 103 15.52 11.65 -0.10
CA VAL A 103 16.18 10.53 -0.76
C VAL A 103 16.68 10.90 -2.13
N THR A 104 17.70 10.22 -2.58
CA THR A 104 18.25 10.39 -3.94
C THR A 104 17.54 9.43 -4.87
N LEU A 105 17.03 9.98 -5.97
CA LEU A 105 16.35 9.26 -7.04
C LEU A 105 17.32 8.66 -8.02
N ASN A 106 17.12 7.39 -8.38
CA ASN A 106 17.92 6.54 -9.29
C ASN A 106 17.10 5.38 -9.89
N SER A 107 17.66 4.27 -10.41
CA SER A 107 16.70 3.32 -10.98
C SER A 107 15.89 2.48 -10.02
N TYR A 108 16.27 2.52 -8.75
CA TYR A 108 15.71 1.71 -7.72
C TYR A 108 14.76 2.58 -6.91
N VAL A 109 14.85 3.92 -7.17
CA VAL A 109 14.18 4.94 -6.36
C VAL A 109 13.58 6.03 -7.21
N GLN A 110 12.29 5.89 -7.46
CA GLN A 110 11.46 6.87 -8.21
C GLN A 110 10.19 7.24 -7.48
N LEU A 111 9.55 8.25 -7.90
CA LEU A 111 8.29 8.61 -7.32
C LEU A 111 7.13 7.79 -7.90
N GLY A 112 6.13 7.56 -7.12
CA GLY A 112 4.92 6.95 -7.58
C GLY A 112 4.08 7.98 -8.34
N VAL A 113 3.47 7.56 -9.39
CA VAL A 113 2.59 8.44 -10.14
C VAL A 113 1.18 8.30 -9.54
N LEU A 114 0.46 9.43 -9.14
CA LEU A 114 -0.88 9.39 -8.62
C LEU A 114 -1.85 9.67 -9.76
N PRO A 115 -3.04 8.94 -9.74
CA PRO A 115 -4.13 9.26 -10.60
C PRO A 115 -4.54 10.67 -10.52
N ARG A 116 -5.18 11.10 -11.56
CA ARG A 116 -6.08 12.25 -11.50
C ARG A 116 -7.22 12.06 -10.48
N ALA A 117 -7.58 13.17 -9.75
CA ALA A 117 -8.68 13.26 -8.78
C ALA A 117 -9.95 12.74 -9.41
N GLY A 118 -10.55 11.76 -8.80
CA GLY A 118 -11.91 11.31 -9.16
C GLY A 118 -11.90 10.08 -10.02
N THR A 119 -10.72 9.82 -10.54
CA THR A 119 -10.54 8.65 -11.44
C THR A 119 -11.01 7.32 -10.88
N ILE A 120 -11.93 6.65 -11.57
CA ILE A 120 -12.44 5.34 -11.21
C ILE A 120 -12.05 4.34 -12.31
N LEU A 121 -11.63 3.18 -12.00
CA LEU A 121 -11.26 2.26 -13.07
C LEU A 121 -12.37 1.36 -13.52
N ALA A 122 -12.27 0.91 -14.72
CA ALA A 122 -13.29 -0.05 -15.13
C ALA A 122 -13.09 -1.37 -14.47
N ASN A 123 -14.20 -2.15 -14.38
CA ASN A 123 -14.16 -3.49 -13.80
C ASN A 123 -13.11 -4.30 -14.55
N ASN A 124 -12.36 -5.08 -13.75
CA ASN A 124 -11.42 -6.02 -14.28
C ASN A 124 -10.33 -5.28 -14.96
N SER A 125 -9.94 -4.15 -14.37
CA SER A 125 -8.72 -3.41 -14.77
C SER A 125 -7.41 -4.00 -14.31
N PRO A 126 -6.40 -4.05 -15.20
CA PRO A 126 -5.10 -4.71 -14.96
C PRO A 126 -4.20 -3.99 -13.92
N CYS A 127 -4.13 -4.61 -12.71
CA CYS A 127 -3.41 -4.04 -11.61
C CYS A 127 -2.53 -5.07 -10.92
N TYR A 128 -1.46 -4.55 -10.28
CA TYR A 128 -0.57 -5.40 -9.51
C TYR A 128 -0.57 -4.95 -8.07
N ILE A 129 -0.56 -5.86 -7.04
CA ILE A 129 -0.19 -5.55 -5.64
C ILE A 129 1.21 -5.97 -5.34
N THR A 130 1.92 -5.07 -4.73
CA THR A 130 3.25 -5.44 -4.29
C THR A 130 3.47 -5.54 -2.78
N GLY A 131 4.45 -6.31 -2.29
CA GLY A 131 4.74 -6.03 -0.92
C GLY A 131 5.44 -7.20 -0.25
N TRP A 132 5.94 -6.90 0.94
CA TRP A 132 6.58 -7.91 1.71
C TRP A 132 5.74 -8.61 2.73
N GLY A 133 4.41 -8.53 2.62
CA GLY A 133 3.54 -9.15 3.59
C GLY A 133 3.51 -10.69 3.62
N LEU A 134 2.66 -11.27 4.47
CA LEU A 134 2.55 -12.71 4.56
C LEU A 134 2.15 -13.40 3.25
N THR A 135 2.70 -14.61 3.05
CA THR A 135 2.69 -15.33 1.85
C THR A 135 1.72 -16.48 1.91
N ARG A 136 1.11 -16.67 3.09
CA ARG A 136 -0.07 -17.54 3.26
C ARG A 136 -0.83 -16.83 4.40
N THR A 137 -2.09 -17.08 4.61
CA THR A 137 -2.81 -16.67 5.80
C THR A 137 -2.13 -17.32 7.00
N ASN A 138 -1.86 -16.55 8.06
CA ASN A 138 -1.17 -16.94 9.27
C ASN A 138 0.22 -17.47 8.97
N GLY A 139 0.94 -16.98 7.93
CA GLY A 139 2.14 -17.53 7.38
C GLY A 139 3.32 -16.70 7.80
N GLN A 140 4.26 -16.50 6.99
CA GLN A 140 5.35 -15.56 7.38
C GLN A 140 5.60 -14.53 6.33
N LEU A 141 6.26 -13.43 6.69
CA LEU A 141 6.59 -12.32 5.70
C LEU A 141 7.45 -12.86 4.60
N ALA A 142 7.41 -12.27 3.44
CA ALA A 142 8.36 -12.63 2.35
C ALA A 142 9.74 -12.04 2.60
N GLN A 143 10.78 -12.68 2.14
CA GLN A 143 12.00 -11.90 2.27
C GLN A 143 12.25 -10.92 1.13
N THR A 144 11.89 -11.36 -0.09
CA THR A 144 11.99 -10.54 -1.28
C THR A 144 10.65 -9.99 -1.79
N LEU A 145 10.66 -8.80 -2.42
CA LEU A 145 9.46 -8.12 -2.88
C LEU A 145 8.65 -8.98 -3.80
N GLN A 146 7.39 -9.15 -3.43
CA GLN A 146 6.57 -10.04 -4.18
C GLN A 146 5.57 -9.17 -4.94
N GLN A 147 5.08 -9.70 -6.08
CA GLN A 147 3.95 -9.04 -6.84
C GLN A 147 2.85 -10.04 -7.20
N ALA A 148 1.62 -9.58 -7.22
CA ALA A 148 0.53 -10.44 -7.66
C ALA A 148 -0.34 -9.64 -8.65
N TYR A 149 -0.73 -10.27 -9.74
CA TYR A 149 -1.76 -9.71 -10.59
C TYR A 149 -3.13 -9.79 -9.95
N LEU A 150 -3.73 -8.57 -9.76
CA LEU A 150 -4.93 -8.42 -9.00
C LEU A 150 -5.88 -7.47 -9.73
N PRO A 151 -6.66 -7.90 -10.71
CA PRO A 151 -7.67 -7.08 -11.40
C PRO A 151 -8.74 -6.46 -10.52
N THR A 152 -9.21 -5.32 -10.93
CA THR A 152 -10.14 -4.68 -10.06
C THR A 152 -11.47 -5.32 -10.14
N VAL A 153 -12.24 -5.01 -9.13
CA VAL A 153 -13.61 -5.40 -9.07
C VAL A 153 -14.36 -4.15 -8.76
N ASP A 154 -15.22 -3.74 -9.70
CA ASP A 154 -15.91 -2.48 -9.46
C ASP A 154 -16.90 -2.48 -8.27
N TYR A 155 -17.15 -1.29 -7.76
CA TYR A 155 -17.99 -0.99 -6.61
C TYR A 155 -19.34 -1.66 -6.61
N ALA A 156 -20.06 -1.73 -7.70
CA ALA A 156 -21.33 -2.39 -7.78
C ALA A 156 -21.18 -3.87 -7.53
N ILE A 157 -20.19 -4.54 -8.07
CA ILE A 157 -19.99 -5.91 -7.64
C ILE A 157 -19.41 -5.95 -6.24
N CYS A 158 -18.43 -5.12 -5.93
CA CYS A 158 -17.77 -5.30 -4.63
C CYS A 158 -18.67 -5.07 -3.39
N SER A 159 -19.63 -4.18 -3.54
CA SER A 159 -20.59 -3.92 -2.51
C SER A 159 -21.88 -4.76 -2.55
N SER A 160 -21.88 -5.74 -3.37
CA SER A 160 -22.94 -6.70 -3.36
C SER A 160 -22.74 -7.69 -2.25
N SER A 161 -23.88 -8.37 -1.97
CA SER A 161 -23.93 -9.11 -0.73
C SER A 161 -22.99 -10.27 -0.72
N SER A 162 -22.66 -10.78 -1.84
CA SER A 162 -21.92 -12.04 -1.91
C SER A 162 -20.44 -11.76 -1.90
N TYR A 163 -20.18 -10.41 -2.00
CA TYR A 163 -18.85 -9.76 -1.82
C TYR A 163 -18.68 -9.09 -0.50
N TRP A 164 -18.44 -7.81 -0.44
CA TRP A 164 -18.20 -7.18 0.82
C TRP A 164 -19.45 -6.50 1.35
N GLY A 165 -20.53 -6.38 0.56
CA GLY A 165 -21.71 -5.65 1.06
C GLY A 165 -21.37 -4.21 1.28
N SER A 166 -21.94 -3.80 2.41
CA SER A 166 -21.85 -2.45 2.86
C SER A 166 -20.54 -2.14 3.54
N THR A 167 -19.70 -3.16 3.78
CA THR A 167 -18.47 -2.88 4.41
C THR A 167 -17.62 -1.96 3.55
N VAL A 168 -17.76 -2.08 2.23
CA VAL A 168 -16.96 -1.33 1.25
C VAL A 168 -17.70 -0.07 0.80
N LYS A 169 -16.94 1.05 0.68
CA LYS A 169 -17.47 2.39 0.34
C LYS A 169 -16.83 2.82 -0.99
N ASN A 170 -17.40 3.81 -1.67
CA ASN A 170 -16.98 4.21 -2.97
C ASN A 170 -15.69 5.02 -2.86
N SER A 171 -15.25 5.31 -1.63
CA SER A 171 -13.90 5.74 -1.37
C SER A 171 -12.85 4.59 -1.34
N MET A 172 -13.24 3.41 -1.77
CA MET A 172 -12.29 2.32 -1.73
C MET A 172 -12.22 1.65 -3.08
N VAL A 173 -11.07 0.99 -3.42
CA VAL A 173 -10.95 0.16 -4.59
C VAL A 173 -10.97 -1.31 -4.16
N CYS A 174 -11.61 -2.25 -4.82
CA CYS A 174 -11.38 -3.61 -4.47
C CYS A 174 -10.65 -4.26 -5.61
N ALA A 175 -9.81 -5.22 -5.32
CA ALA A 175 -9.11 -5.89 -6.39
C ALA A 175 -8.90 -7.34 -5.97
N GLY A 176 -8.99 -8.30 -6.94
CA GLY A 176 -8.60 -9.66 -6.68
C GLY A 176 -9.82 -10.50 -6.28
N GLY A 177 -9.75 -11.31 -5.26
CA GLY A 177 -10.90 -12.11 -4.85
C GLY A 177 -11.11 -13.45 -5.55
N ASP A 178 -10.01 -13.94 -6.17
CA ASP A 178 -10.00 -15.26 -6.82
C ASP A 178 -9.89 -16.52 -5.96
N GLY A 179 -9.62 -16.34 -4.67
CA GLY A 179 -9.25 -17.39 -3.74
C GLY A 179 -7.75 -17.63 -3.67
N VAL A 180 -7.00 -17.25 -4.72
CA VAL A 180 -5.62 -17.62 -4.82
C VAL A 180 -4.64 -16.48 -4.52
N ARG A 181 -4.95 -15.33 -4.96
CA ARG A 181 -4.02 -14.24 -4.82
C ARG A 181 -4.57 -13.09 -3.98
N SER A 182 -3.76 -12.49 -3.14
CA SER A 182 -4.24 -11.43 -2.30
C SER A 182 -3.13 -10.60 -1.74
N GLY A 183 -3.57 -9.51 -1.12
CA GLY A 183 -2.72 -8.94 -0.07
C GLY A 183 -2.85 -9.68 1.23
N CYS A 184 -1.93 -9.48 2.13
CA CYS A 184 -2.08 -10.16 3.46
C CYS A 184 -1.32 -9.36 4.52
N GLN A 185 -1.36 -9.58 5.76
CA GLN A 185 -0.87 -8.64 6.71
C GLN A 185 0.59 -8.38 6.50
N GLY A 186 1.06 -7.14 6.65
CA GLY A 186 2.40 -6.75 6.22
C GLY A 186 2.35 -6.04 4.84
N ASP A 187 1.32 -6.17 4.02
CA ASP A 187 1.21 -5.42 2.79
C ASP A 187 0.42 -4.19 3.05
N SER A 188 -0.31 -3.98 4.19
CA SER A 188 -1.11 -2.76 4.52
C SER A 188 -0.32 -1.49 4.23
N GLY A 189 -0.89 -0.54 3.55
CA GLY A 189 -0.14 0.67 3.27
C GLY A 189 0.48 0.76 1.90
N GLY A 190 0.85 -0.41 1.32
CA GLY A 190 1.45 -0.53 0.03
C GLY A 190 0.56 -0.08 -1.12
N PRO A 191 1.16 -0.06 -2.27
CA PRO A 191 0.52 0.20 -3.54
C PRO A 191 -0.26 -0.94 -4.23
N LEU A 192 -1.28 -0.53 -4.98
CA LEU A 192 -2.03 -1.21 -6.01
C LEU A 192 -1.69 -0.39 -7.24
N HIS A 193 -0.74 -0.90 -8.05
CA HIS A 193 -0.30 -0.24 -9.33
C HIS A 193 -1.16 -0.64 -10.48
N CYS A 194 -1.80 0.29 -11.13
CA CYS A 194 -2.68 0.00 -12.27
C CYS A 194 -2.31 0.72 -13.57
N LEU A 195 -2.49 -0.04 -14.65
CA LEU A 195 -2.02 0.37 -15.95
C LEU A 195 -3.00 1.28 -16.67
N VAL A 196 -2.72 2.52 -16.78
CA VAL A 196 -3.61 3.48 -17.39
C VAL A 196 -2.86 4.29 -18.40
N ASN A 197 -3.36 4.24 -19.63
CA ASN A 197 -2.70 4.94 -20.79
C ASN A 197 -1.22 4.69 -20.86
N GLY A 198 -0.81 3.45 -20.68
CA GLY A 198 0.48 2.85 -20.81
C GLY A 198 1.40 3.30 -19.72
N GLN A 199 0.85 3.78 -18.59
CA GLN A 199 1.72 4.09 -17.43
C GLN A 199 1.22 3.48 -16.13
N TYR A 200 2.06 2.88 -15.33
CA TYR A 200 1.57 2.39 -14.02
C TYR A 200 1.37 3.57 -13.03
N ALA A 201 0.20 3.70 -12.46
CA ALA A 201 -0.15 4.65 -11.45
C ALA A 201 -0.72 3.98 -10.22
N VAL A 202 -0.41 4.52 -9.05
CA VAL A 202 -0.85 3.95 -7.77
C VAL A 202 -2.26 4.40 -7.41
N HIS A 203 -3.22 3.54 -7.65
CA HIS A 203 -4.65 3.86 -7.42
C HIS A 203 -5.14 3.49 -6.01
N GLY A 204 -4.39 2.56 -5.35
CA GLY A 204 -4.86 1.96 -4.13
C GLY A 204 -3.78 2.07 -3.05
N VAL A 205 -4.13 2.29 -1.82
CA VAL A 205 -3.30 2.08 -0.60
C VAL A 205 -3.88 0.86 0.15
N THR A 206 -3.11 -0.27 0.28
CA THR A 206 -3.71 -1.47 0.90
C THR A 206 -4.24 -1.27 2.29
N SER A 207 -5.47 -1.66 2.50
CA SER A 207 -6.24 -1.38 3.74
C SER A 207 -6.66 -2.62 4.50
N PHE A 208 -7.46 -3.46 3.92
CA PHE A 208 -7.91 -4.63 4.61
C PHE A 208 -8.22 -5.84 3.76
N VAL A 209 -8.14 -7.00 4.41
CA VAL A 209 -8.64 -8.26 3.88
C VAL A 209 -9.64 -8.79 4.90
N SER A 210 -10.13 -9.99 4.64
CA SER A 210 -11.14 -10.62 5.48
C SER A 210 -10.61 -11.23 6.77
N ARG A 211 -11.38 -11.10 7.85
CA ARG A 211 -11.00 -11.74 9.11
C ARG A 211 -10.91 -13.24 8.88
N LEU A 212 -11.57 -13.76 7.86
CA LEU A 212 -11.58 -15.17 7.60
C LEU A 212 -10.30 -15.67 7.01
N GLY A 213 -9.55 -14.78 6.45
CA GLY A 213 -8.26 -15.12 5.77
C GLY A 213 -7.88 -14.16 4.65
N CYS A 214 -6.58 -14.16 4.26
CA CYS A 214 -6.18 -13.24 3.22
C CYS A 214 -6.74 -13.54 1.86
N ASN A 215 -6.58 -14.75 1.31
CA ASN A 215 -7.10 -15.17 0.07
C ASN A 215 -8.42 -15.88 0.13
N VAL A 216 -9.46 -15.14 0.05
CA VAL A 216 -10.80 -15.73 0.24
C VAL A 216 -11.61 -15.40 -1.02
N THR A 217 -12.14 -16.42 -1.73
CA THR A 217 -12.98 -16.19 -2.89
C THR A 217 -14.05 -15.20 -2.53
N ARG A 218 -14.27 -14.26 -3.46
CA ARG A 218 -15.26 -13.16 -3.28
C ARG A 218 -15.08 -12.29 -2.06
N LYS A 219 -13.86 -12.28 -1.54
CA LYS A 219 -13.40 -11.21 -0.65
C LYS A 219 -12.16 -10.53 -1.20
N PRO A 220 -12.28 -9.70 -2.21
CA PRO A 220 -11.14 -8.96 -2.71
C PRO A 220 -10.39 -8.21 -1.68
N THR A 221 -9.14 -7.95 -1.93
CA THR A 221 -8.38 -7.08 -1.06
C THR A 221 -8.96 -5.68 -1.26
N VAL A 222 -9.06 -4.85 -0.18
CA VAL A 222 -9.65 -3.51 -0.25
C VAL A 222 -8.61 -2.45 -0.04
N PHE A 223 -8.60 -1.47 -0.95
CA PHE A 223 -7.63 -0.40 -0.91
C PHE A 223 -8.32 0.90 -0.62
N THR A 224 -7.62 1.83 -0.03
CA THR A 224 -8.13 3.22 -0.07
C THR A 224 -7.96 3.77 -1.46
N ARG A 225 -9.03 4.25 -2.04
CA ARG A 225 -8.94 4.84 -3.34
C ARG A 225 -8.19 6.14 -3.43
N VAL A 226 -6.96 6.19 -3.92
CA VAL A 226 -6.08 7.36 -3.91
C VAL A 226 -6.75 8.54 -4.62
N SER A 227 -7.43 8.29 -5.77
CA SER A 227 -8.16 9.36 -6.48
C SER A 227 -9.22 10.13 -5.67
N ALA A 228 -9.59 9.61 -4.52
CA ALA A 228 -10.53 10.32 -3.70
C ALA A 228 -9.80 11.30 -2.81
N TYR A 229 -8.47 11.20 -2.71
CA TYR A 229 -7.71 11.96 -1.77
C TYR A 229 -6.74 13.02 -2.31
N ILE A 230 -6.81 13.31 -3.60
CA ILE A 230 -5.74 14.06 -4.22
C ILE A 230 -5.64 15.46 -3.66
N SER A 231 -6.84 16.10 -3.41
CA SER A 231 -6.94 17.46 -2.81
C SER A 231 -6.34 17.51 -1.40
N TRP A 232 -6.59 16.44 -0.56
CA TRP A 232 -6.10 16.36 0.74
C TRP A 232 -4.61 16.12 0.69
N ILE A 233 -4.15 15.29 -0.25
CA ILE A 233 -2.72 15.01 -0.33
C ILE A 233 -1.89 16.23 -0.76
N ASN A 234 -2.41 16.96 -1.71
CA ASN A 234 -1.78 18.20 -2.10
C ASN A 234 -1.75 19.30 -1.07
N ASN A 235 -2.85 19.39 -0.33
CA ASN A 235 -3.11 20.39 0.80
C ASN A 235 -2.19 20.15 1.99
N VAL A 236 -1.85 18.90 2.24
CA VAL A 236 -0.84 18.54 3.25
C VAL A 236 0.54 18.88 2.79
N ILE A 237 0.77 18.63 1.54
CA ILE A 237 2.17 18.78 1.24
C ILE A 237 2.62 20.25 1.09
N ALA A 238 1.71 21.03 0.47
CA ALA A 238 1.89 22.45 0.28
C ALA A 238 2.08 23.20 1.58
N SER A 239 1.57 22.66 2.67
CA SER A 239 1.61 23.38 3.91
C SER A 239 2.51 22.71 4.95
N ASN A 240 3.13 21.58 4.62
CA ASN A 240 3.91 20.93 5.71
C ASN A 240 5.33 20.74 5.28
#